data_6XP9
#
_entry.id   6XP9
#
_cell.length_a   85.029
_cell.length_b   88.613
_cell.length_c   105.860
_cell.angle_alpha   90.000
_cell.angle_beta   90.000
_cell.angle_gamma   90.000
#
_symmetry.space_group_name_H-M   'P 21 21 21'
#
loop_
_entity.id
_entity.type
_entity.pdbx_description
1 polymer 'Nuclear receptor subfamily 1 group I member 2,Nuclear receptor coactivator 1 fusion'
2 non-polymer '(2S)-tert-butoxy[7-(8-fluoro-5-methyl-3,4-dihydro-2H-1-benzopyran-6-yl)-5-methyl-2-phenylpyrazolo[1,5-a]pyrimidin-6-yl]acetic acid'
3 non-polymer GLYCEROL
4 water water
#
_entity_poly.entity_id   1
_entity_poly.type   'polypeptide(L)'
_entity_poly.pdbx_seq_one_letter_code
;HHHHHHGSERTGTQPLGVQGLTEEQRMMIRELMDAQMKTFDTTFSHFKNFRLPGVLSSGCELPESLQAPSREEAAKWSQV
RKDLCSLKVSLQLRGEDGSVWNYKPPADSGGKEIFSLLPHMADMSTYMFKGIISFAKVISYFRDLPIEDQISLLKGAAFE
LCQLRFNTVFNAETGTWECGRLSYCLEDTAGGFQQLLLEPMLKFHYMLKKLQLHEEEYVLMQAISLFSPDRPGVLQHRVV
DQLQEQFAITLKSYIECNRPQPAHRFLFLKIMAMLTELRSINAQHTQRLLRIQDIHPFATPLMQELFGITGSSGGSGGSS
HSSLTERHKILHRLLQEGSPSDITTLSVEPD
;
_entity_poly.pdbx_strand_id   A,B
#
loop_
_chem_comp.id
_chem_comp.type
_chem_comp.name
_chem_comp.formula
GOL non-polymer GLYCEROL 'C3 H8 O3'
QCG non-polymer '(2S)-tert-butoxy[7-(8-fluoro-5-methyl-3,4-dihydro-2H-1-benzopyran-6-yl)-5-methyl-2-phenylpyrazolo[1,5-a]pyrimidin-6-yl]acetic acid' 'C29 H30 F N3 O4'
#
# COMPACT_ATOMS: atom_id res chain seq x y z
N GLY A 20 -14.49 26.28 -41.80
CA GLY A 20 -13.94 25.91 -43.10
C GLY A 20 -13.99 24.43 -43.41
N LEU A 21 -14.54 23.60 -42.50
CA LEU A 21 -14.69 22.18 -42.74
C LEU A 21 -15.97 21.92 -43.53
N THR A 22 -16.05 20.81 -44.30
CA THR A 22 -17.30 20.47 -44.96
C THR A 22 -18.30 19.97 -43.90
N GLU A 23 -19.60 19.95 -44.24
CA GLU A 23 -20.62 19.47 -43.32
C GLU A 23 -20.38 18.00 -42.91
N GLU A 24 -19.83 17.19 -43.83
CA GLU A 24 -19.55 15.79 -43.55
C GLU A 24 -18.36 15.66 -42.59
N GLN A 25 -17.37 16.55 -42.71
CA GLN A 25 -16.20 16.60 -41.86
C GLN A 25 -16.59 17.03 -40.44
N ARG A 26 -17.52 17.98 -40.29
CA ARG A 26 -17.97 18.42 -38.97
C ARG A 26 -18.75 17.31 -38.26
N MET A 27 -19.57 16.54 -39.02
CA MET A 27 -20.35 15.42 -38.49
C MET A 27 -19.44 14.25 -38.09
N MET A 28 -18.35 14.06 -38.82
CA MET A 28 -17.37 13.03 -38.56
C MET A 28 -16.69 13.33 -37.22
N ILE A 29 -16.34 14.62 -36.97
CA ILE A 29 -15.72 15.07 -35.72
C ILE A 29 -16.73 14.99 -34.57
N ARG A 30 -17.98 15.37 -34.82
CA ARG A 30 -19.06 15.30 -33.85
C ARG A 30 -19.28 13.86 -33.36
N GLU A 31 -19.27 12.89 -34.30
CA GLU A 31 -19.45 11.50 -33.96
C GLU A 31 -18.28 10.94 -33.17
N LEU A 32 -17.05 11.34 -33.52
CA LEU A 32 -15.88 10.87 -32.80
C LEU A 32 -15.82 11.47 -31.37
N MET A 33 -16.15 12.76 -31.25
CA MET A 33 -16.17 13.47 -29.96
C MET A 33 -17.24 12.89 -29.03
N ASP A 34 -18.42 12.52 -29.58
CA ASP A 34 -19.54 11.89 -28.88
C ASP A 34 -19.10 10.55 -28.31
N ALA A 35 -18.44 9.77 -29.16
CA ALA A 35 -17.94 8.47 -28.80
C ALA A 35 -16.88 8.57 -27.69
N GLN A 36 -15.96 9.52 -27.80
CA GLN A 36 -14.92 9.72 -26.80
C GLN A 36 -15.56 10.10 -25.43
N MET A 37 -16.49 11.07 -25.43
CA MET A 37 -17.18 11.53 -24.22
C MET A 37 -17.89 10.37 -23.53
N LYS A 38 -18.58 9.52 -24.29
CA LYS A 38 -19.33 8.39 -23.72
C LYS A 38 -18.51 7.25 -23.22
N THR A 39 -17.26 7.10 -23.70
CA THR A 39 -16.51 5.89 -23.40
C THR A 39 -15.15 6.11 -22.76
N PHE A 40 -14.73 7.37 -22.59
CA PHE A 40 -13.45 7.65 -21.96
C PHE A 40 -13.71 8.18 -20.55
N ASP A 41 -13.49 7.33 -19.58
CA ASP A 41 -13.64 7.64 -18.15
C ASP A 41 -12.35 8.37 -17.76
N THR A 42 -12.30 9.69 -18.01
CA THR A 42 -11.10 10.49 -17.78
C THR A 42 -10.68 10.59 -16.32
N THR A 43 -11.62 10.46 -15.40
CA THR A 43 -11.32 10.49 -13.98
C THR A 43 -11.02 9.09 -13.39
N PHE A 44 -11.12 8.03 -14.20
CA PHE A 44 -10.91 6.64 -13.79
C PHE A 44 -11.78 6.25 -12.59
N SER A 45 -12.94 6.93 -12.40
CA SER A 45 -13.81 6.65 -11.27
C SER A 45 -14.50 5.30 -11.33
N HIS A 46 -14.52 4.63 -12.50
CA HIS A 46 -15.10 3.29 -12.60
C HIS A 46 -14.02 2.18 -12.65
N PHE A 47 -12.73 2.54 -12.54
CA PHE A 47 -11.66 1.56 -12.48
C PHE A 47 -11.61 1.13 -11.01
N LYS A 48 -12.25 0.01 -10.70
CA LYS A 48 -12.36 -0.52 -9.34
C LYS A 48 -11.96 -1.99 -9.30
N ASN A 49 -11.74 -2.52 -8.10
CA ASN A 49 -11.44 -3.92 -7.81
C ASN A 49 -10.23 -4.46 -8.55
N PHE A 50 -9.20 -3.64 -8.69
CA PHE A 50 -7.98 -4.05 -9.36
C PHE A 50 -6.98 -4.66 -8.37
N ARG A 51 -6.05 -5.45 -8.88
CA ARG A 51 -5.01 -6.01 -8.05
C ARG A 51 -3.91 -4.98 -7.84
N LEU A 52 -3.19 -5.12 -6.76
CA LEU A 52 -2.10 -4.23 -6.40
C LEU A 52 -0.90 -5.10 -6.01
N PRO A 53 0.33 -4.57 -6.14
CA PRO A 53 1.50 -5.34 -5.66
C PRO A 53 1.30 -5.61 -4.16
N GLY A 54 1.33 -6.89 -3.80
CA GLY A 54 1.06 -7.36 -2.45
C GLY A 54 1.89 -6.71 -1.37
N VAL A 55 1.40 -6.81 -0.12
CA VAL A 55 2.09 -6.27 1.04
C VAL A 55 2.79 -7.41 1.75
N TRP A 77 13.88 -16.63 -21.27
CA TRP A 77 14.07 -16.37 -19.84
C TRP A 77 14.89 -15.10 -19.60
N SER A 78 16.14 -15.06 -20.13
CA SER A 78 17.02 -13.90 -19.98
C SER A 78 16.47 -12.69 -20.74
N GLN A 79 15.78 -12.91 -21.88
CA GLN A 79 15.19 -11.84 -22.66
C GLN A 79 14.03 -11.20 -21.90
N VAL A 80 13.23 -12.01 -21.19
CA VAL A 80 12.10 -11.51 -20.40
C VAL A 80 12.55 -10.64 -19.20
N ARG A 81 13.79 -10.85 -18.72
CA ARG A 81 14.37 -10.06 -17.64
C ARG A 81 14.67 -8.66 -18.19
N LYS A 82 15.29 -8.60 -19.40
CA LYS A 82 15.60 -7.36 -20.11
C LYS A 82 14.31 -6.63 -20.56
N ASP A 83 13.22 -7.39 -20.80
CA ASP A 83 11.91 -6.86 -21.19
C ASP A 83 11.24 -6.03 -20.09
N LEU A 84 11.70 -6.13 -18.84
CA LEU A 84 11.15 -5.38 -17.72
C LEU A 84 12.10 -4.25 -17.33
N LYS A 88 9.75 1.69 -13.87
CA LYS A 88 10.54 2.51 -12.95
C LYS A 88 9.70 3.67 -12.39
N VAL A 89 8.44 3.38 -12.05
CA VAL A 89 7.52 4.41 -11.55
C VAL A 89 7.01 4.10 -10.13
N SER A 90 6.53 5.12 -9.42
CA SER A 90 5.88 4.94 -8.14
C SER A 90 4.34 5.09 -8.36
N LEU A 91 3.54 4.31 -7.65
CA LEU A 91 2.09 4.39 -7.75
C LEU A 91 1.55 5.12 -6.52
N GLN A 92 0.69 6.10 -6.74
CA GLN A 92 0.09 6.85 -5.65
C GLN A 92 -1.42 6.70 -5.71
N LEU A 93 -2.05 6.23 -4.61
CA LEU A 93 -3.48 6.04 -4.51
C LEU A 93 -4.01 7.01 -3.45
N ARG A 94 -4.67 8.08 -3.89
CA ARG A 94 -5.25 9.09 -3.02
C ARG A 94 -6.65 8.68 -2.57
N GLY A 95 -6.85 8.57 -1.26
CA GLY A 95 -8.16 8.23 -0.73
C GLY A 95 -9.06 9.45 -0.70
N GLU A 96 -10.38 9.24 -0.78
CA GLU A 96 -11.33 10.37 -0.73
C GLU A 96 -11.33 11.13 0.60
N ASP A 97 -10.56 10.63 1.59
CA ASP A 97 -10.45 11.24 2.90
C ASP A 97 -9.18 12.08 3.11
N GLY A 98 -8.26 12.06 2.16
CA GLY A 98 -7.02 12.82 2.28
C GLY A 98 -5.78 11.94 2.28
N SER A 99 -5.90 10.75 2.92
CA SER A 99 -4.83 9.74 3.03
C SER A 99 -4.22 9.33 1.69
N VAL A 100 -2.94 8.96 1.70
CA VAL A 100 -2.24 8.52 0.49
C VAL A 100 -1.50 7.18 0.71
N TRP A 101 -1.65 6.24 -0.23
CA TRP A 101 -0.91 4.99 -0.22
C TRP A 101 0.06 5.09 -1.40
N ASN A 102 1.36 5.00 -1.14
CA ASN A 102 2.39 5.10 -2.18
C ASN A 102 3.20 3.81 -2.29
N TYR A 103 3.44 3.36 -3.50
CA TYR A 103 4.22 2.16 -3.75
C TYR A 103 5.51 2.50 -4.48
N LYS A 104 6.66 2.37 -3.79
CA LYS A 104 7.97 2.58 -4.39
C LYS A 104 8.46 1.20 -4.78
N PRO A 105 8.80 0.98 -6.06
CA PRO A 105 9.21 -0.37 -6.48
C PRO A 105 10.62 -0.78 -6.00
N PRO A 106 10.95 -2.09 -6.06
CA PRO A 106 12.26 -2.54 -5.57
C PRO A 106 13.46 -1.74 -6.05
N ILE A 114 9.17 -6.25 -10.69
CA ILE A 114 9.31 -7.00 -11.95
C ILE A 114 7.97 -7.74 -12.25
N PHE A 115 7.76 -8.99 -11.74
CA PHE A 115 6.51 -9.70 -11.97
C PHE A 115 5.38 -9.24 -11.01
N SER A 116 5.71 -8.49 -9.96
CA SER A 116 4.73 -8.04 -8.97
C SER A 116 3.82 -6.90 -9.45
N LEU A 117 4.20 -6.21 -10.52
CA LEU A 117 3.40 -5.13 -11.07
C LEU A 117 2.43 -5.60 -12.17
N LEU A 118 2.76 -6.73 -12.84
CA LEU A 118 2.01 -7.35 -13.94
C LEU A 118 0.51 -7.52 -13.68
N PRO A 119 0.05 -8.09 -12.52
CA PRO A 119 -1.41 -8.17 -12.31
C PRO A 119 -2.11 -6.79 -12.33
N HIS A 120 -1.50 -5.76 -11.70
CA HIS A 120 -2.07 -4.43 -11.69
C HIS A 120 -2.11 -3.85 -13.11
N MET A 121 -1.01 -3.98 -13.86
CA MET A 121 -0.93 -3.49 -15.23
C MET A 121 -1.96 -4.20 -16.12
N ALA A 122 -2.15 -5.52 -15.93
CA ALA A 122 -3.12 -6.31 -16.69
C ALA A 122 -4.54 -5.76 -16.42
N ASP A 123 -4.84 -5.45 -15.15
CA ASP A 123 -6.15 -4.88 -14.79
C ASP A 123 -6.35 -3.48 -15.39
N MET A 124 -5.34 -2.60 -15.33
CA MET A 124 -5.47 -1.25 -15.90
C MET A 124 -5.63 -1.34 -17.42
N SER A 125 -4.81 -2.16 -18.09
CA SER A 125 -4.87 -2.36 -19.53
C SER A 125 -6.23 -2.88 -19.95
N THR A 126 -6.74 -3.90 -19.27
CA THR A 126 -8.04 -4.50 -19.55
C THR A 126 -9.15 -3.47 -19.39
N TYR A 127 -9.09 -2.66 -18.34
CA TYR A 127 -10.07 -1.60 -18.14
C TYR A 127 -10.04 -0.59 -19.33
N MET A 128 -8.83 -0.16 -19.74
CA MET A 128 -8.65 0.74 -20.88
C MET A 128 -9.14 0.11 -22.17
N PHE A 129 -8.79 -1.16 -22.43
CA PHE A 129 -9.21 -1.86 -23.65
C PHE A 129 -10.72 -1.95 -23.74
N LYS A 130 -11.43 -2.19 -22.62
CA LYS A 130 -12.89 -2.18 -22.62
C LYS A 130 -13.45 -0.83 -23.08
N GLY A 131 -12.85 0.27 -22.63
CA GLY A 131 -13.27 1.61 -23.04
C GLY A 131 -13.02 1.86 -24.52
N ILE A 132 -11.91 1.32 -25.06
CA ILE A 132 -11.57 1.47 -26.47
C ILE A 132 -12.49 0.63 -27.37
N ILE A 133 -12.91 -0.55 -26.89
CA ILE A 133 -13.86 -1.36 -27.63
C ILE A 133 -15.22 -0.61 -27.67
N SER A 134 -15.63 0.00 -26.53
CA SER A 134 -16.86 0.77 -26.47
C SER A 134 -16.77 2.00 -27.38
N PHE A 135 -15.59 2.64 -27.46
CA PHE A 135 -15.34 3.76 -28.38
C PHE A 135 -15.62 3.36 -29.84
N ALA A 136 -15.00 2.24 -30.29
CA ALA A 136 -15.17 1.78 -31.67
C ALA A 136 -16.63 1.41 -31.94
N LYS A 137 -17.30 0.74 -31.00
CA LYS A 137 -18.71 0.39 -31.17
C LYS A 137 -19.65 1.58 -31.41
N VAL A 138 -19.40 2.75 -30.78
CA VAL A 138 -20.26 3.95 -30.95
C VAL A 138 -20.17 4.51 -32.37
N ILE A 139 -19.03 4.32 -33.05
CA ILE A 139 -18.81 4.89 -34.37
C ILE A 139 -19.55 4.13 -35.47
N SER A 140 -20.41 4.83 -36.22
CA SER A 140 -21.19 4.25 -37.31
C SER A 140 -20.30 3.60 -38.37
N TYR A 141 -19.20 4.27 -38.78
CA TYR A 141 -18.25 3.71 -39.76
C TYR A 141 -17.67 2.38 -39.32
N PHE A 142 -17.49 2.18 -38.01
CA PHE A 142 -16.95 0.93 -37.47
C PHE A 142 -18.06 -0.10 -37.35
N ARG A 143 -19.22 0.32 -36.84
CA ARG A 143 -20.40 -0.49 -36.62
C ARG A 143 -20.85 -1.19 -37.89
N ASP A 144 -20.77 -0.50 -39.03
CA ASP A 144 -21.18 -1.06 -40.33
C ASP A 144 -20.19 -2.05 -40.94
N LEU A 145 -19.00 -2.20 -40.37
CA LEU A 145 -18.01 -3.14 -40.91
C LEU A 145 -18.37 -4.58 -40.50
N PRO A 146 -17.92 -5.60 -41.25
CA PRO A 146 -18.17 -6.99 -40.82
C PRO A 146 -17.54 -7.26 -39.44
N ILE A 147 -18.19 -8.09 -38.64
CA ILE A 147 -17.74 -8.39 -37.28
C ILE A 147 -16.27 -8.87 -37.22
N GLU A 148 -15.82 -9.63 -38.23
CA GLU A 148 -14.45 -10.14 -38.30
C GLU A 148 -13.46 -9.00 -38.53
N ASP A 149 -13.83 -8.03 -39.36
CA ASP A 149 -12.97 -6.86 -39.57
C ASP A 149 -12.96 -5.95 -38.33
N GLN A 150 -14.06 -5.90 -37.59
CA GLN A 150 -14.13 -5.15 -36.34
C GLN A 150 -13.16 -5.77 -35.32
N ILE A 151 -13.12 -7.12 -35.25
CA ILE A 151 -12.22 -7.84 -34.35
C ILE A 151 -10.77 -7.57 -34.76
N SER A 152 -10.48 -7.66 -36.07
CA SER A 152 -9.14 -7.43 -36.60
C SER A 152 -8.61 -6.02 -36.38
N LEU A 153 -9.47 -5.00 -36.53
CA LEU A 153 -9.07 -3.62 -36.31
C LEU A 153 -8.78 -3.36 -34.84
N LEU A 154 -9.58 -3.94 -33.94
CA LEU A 154 -9.40 -3.76 -32.49
C LEU A 154 -8.16 -4.48 -31.99
N LYS A 155 -7.88 -5.69 -32.50
CA LYS A 155 -6.66 -6.42 -32.15
C LYS A 155 -5.43 -5.63 -32.59
N GLY A 156 -5.50 -5.00 -33.76
CA GLY A 156 -4.37 -4.21 -34.25
C GLY A 156 -4.19 -2.85 -33.58
N ALA A 157 -5.28 -2.21 -33.10
CA ALA A 157 -5.17 -0.85 -32.55
C ALA A 157 -5.33 -0.69 -31.05
N ALA A 158 -5.78 -1.71 -30.31
CA ALA A 158 -6.05 -1.60 -28.87
C ALA A 158 -4.95 -0.85 -28.07
N PHE A 159 -3.69 -1.29 -28.19
CA PHE A 159 -2.56 -0.69 -27.50
C PHE A 159 -2.37 0.78 -27.94
N GLU A 160 -2.45 1.05 -29.24
CA GLU A 160 -2.25 2.39 -29.79
C GLU A 160 -3.29 3.38 -29.26
N LEU A 161 -4.56 2.98 -29.24
CA LEU A 161 -5.64 3.84 -28.74
C LEU A 161 -5.52 4.08 -27.24
N CYS A 162 -5.05 3.07 -26.50
N CYS A 162 -5.05 3.08 -26.49
CA CYS A 162 -4.83 3.17 -25.07
CA CYS A 162 -4.82 3.22 -25.05
C CYS A 162 -3.72 4.19 -24.79
C CYS A 162 -3.71 4.22 -24.79
N GLN A 163 -2.61 4.15 -25.56
CA GLN A 163 -1.52 5.10 -25.39
C GLN A 163 -1.94 6.53 -25.76
N LEU A 164 -2.80 6.68 -26.78
CA LEU A 164 -3.32 8.00 -27.14
C LEU A 164 -4.18 8.58 -26.02
N ARG A 165 -5.06 7.75 -25.41
CA ARG A 165 -5.86 8.21 -24.29
C ARG A 165 -4.96 8.50 -23.05
N PHE A 166 -3.95 7.64 -22.76
CA PHE A 166 -3.03 7.90 -21.65
C PHE A 166 -2.26 9.20 -21.86
N ASN A 167 -1.94 9.59 -23.12
CA ASN A 167 -1.21 10.84 -23.33
C ASN A 167 -2.00 12.06 -22.86
N THR A 168 -3.35 12.00 -22.95
CA THR A 168 -4.20 13.11 -22.49
C THR A 168 -4.18 13.31 -20.97
N VAL A 169 -3.77 12.27 -20.20
CA VAL A 169 -3.65 12.41 -18.76
C VAL A 169 -2.16 12.46 -18.30
N PHE A 170 -1.22 12.54 -19.26
CA PHE A 170 0.19 12.60 -18.97
C PHE A 170 0.60 14.03 -18.64
N ASN A 171 1.24 14.23 -17.49
CA ASN A 171 1.73 15.53 -17.09
C ASN A 171 3.22 15.48 -17.37
N ALA A 172 3.66 16.17 -18.42
CA ALA A 172 5.07 16.16 -18.81
C ALA A 172 5.96 16.93 -17.84
N GLU A 173 5.41 17.92 -17.11
CA GLU A 173 6.23 18.70 -16.16
C GLU A 173 6.57 17.92 -14.89
N THR A 174 5.76 16.93 -14.51
CA THR A 174 6.05 16.10 -13.35
C THR A 174 6.34 14.63 -13.69
N GLY A 175 6.32 14.26 -14.99
CA GLY A 175 6.54 12.88 -15.43
C GLY A 175 5.51 11.92 -14.86
N THR A 176 4.24 12.35 -14.79
CA THR A 176 3.20 11.52 -14.16
C THR A 176 1.94 11.32 -15.01
N TRP A 177 1.41 10.08 -15.07
CA TRP A 177 0.11 9.86 -15.71
C TRP A 177 -0.90 10.04 -14.58
N GLU A 178 -1.76 11.06 -14.71
CA GLU A 178 -2.74 11.40 -13.68
C GLU A 178 -4.06 10.73 -13.97
N CYS A 179 -4.25 9.54 -13.41
CA CYS A 179 -5.42 8.70 -13.64
C CYS A 179 -6.46 8.82 -12.54
N GLY A 180 -7.02 10.01 -12.37
CA GLY A 180 -7.98 10.24 -11.30
C GLY A 180 -7.31 10.13 -9.94
N ARG A 181 -7.73 9.20 -9.09
CA ARG A 181 -7.13 9.03 -7.76
C ARG A 181 -5.80 8.19 -7.77
N LEU A 182 -5.42 7.65 -8.93
CA LEU A 182 -4.20 6.88 -9.15
C LEU A 182 -3.23 7.77 -9.91
N SER A 183 -1.95 7.76 -9.54
CA SER A 183 -0.92 8.53 -10.23
C SER A 183 0.27 7.62 -10.44
N TYR A 184 0.74 7.52 -11.67
CA TYR A 184 1.91 6.71 -12.01
C TYR A 184 3.02 7.72 -12.30
N CYS A 185 3.94 7.90 -11.32
CA CYS A 185 5.00 8.91 -11.42
C CYS A 185 6.36 8.32 -11.76
N LEU A 186 6.99 8.80 -12.84
CA LEU A 186 8.30 8.35 -13.28
C LEU A 186 9.35 8.77 -12.26
N GLU A 187 10.12 7.82 -11.75
CA GLU A 187 11.13 8.09 -10.73
C GLU A 187 12.42 8.67 -11.31
N ASP A 188 12.86 8.20 -12.50
CA ASP A 188 14.06 8.66 -13.23
C ASP A 188 15.36 8.71 -12.40
N LEU A 197 14.04 9.86 -21.75
CA LEU A 197 13.83 10.03 -23.18
C LEU A 197 14.44 8.92 -24.06
N LEU A 198 15.25 8.03 -23.45
CA LEU A 198 15.86 6.92 -24.19
C LEU A 198 14.81 5.86 -24.56
N GLU A 199 13.84 5.63 -23.65
CA GLU A 199 12.79 4.64 -23.88
C GLU A 199 11.81 5.16 -24.90
N PRO A 200 11.64 4.44 -26.02
CA PRO A 200 10.70 4.90 -27.06
C PRO A 200 9.29 5.26 -26.60
N MET A 201 8.69 4.48 -25.66
CA MET A 201 7.36 4.83 -25.17
C MET A 201 7.35 6.12 -24.37
N LEU A 202 8.44 6.39 -23.63
CA LEU A 202 8.53 7.63 -22.87
C LEU A 202 8.72 8.79 -23.81
N LYS A 203 9.61 8.63 -24.78
CA LYS A 203 9.88 9.67 -25.77
C LYS A 203 8.60 10.03 -26.54
N PHE A 204 7.81 9.02 -26.88
CA PHE A 204 6.53 9.21 -27.55
C PHE A 204 5.60 10.11 -26.71
N HIS A 205 5.43 9.79 -25.41
CA HIS A 205 4.54 10.57 -24.56
C HIS A 205 5.03 12.02 -24.41
N TYR A 206 6.33 12.23 -24.21
CA TYR A 206 6.85 13.59 -24.12
C TYR A 206 6.68 14.36 -25.41
N MET A 207 6.97 13.75 -26.56
CA MET A 207 6.86 14.43 -27.86
C MET A 207 5.43 14.73 -28.24
N LEU A 208 4.50 13.79 -27.97
CA LEU A 208 3.10 14.02 -28.29
C LEU A 208 2.51 15.12 -27.42
N LYS A 209 2.86 15.11 -26.13
CA LYS A 209 2.36 16.12 -25.20
C LYS A 209 2.79 17.53 -25.62
N LYS A 210 4.03 17.66 -26.12
CA LYS A 210 4.63 18.89 -26.58
C LYS A 210 3.85 19.53 -27.76
N LEU A 211 3.12 18.72 -28.54
CA LEU A 211 2.31 19.25 -29.66
C LEU A 211 1.06 20.02 -29.19
N GLN A 212 0.66 19.85 -27.91
CA GLN A 212 -0.49 20.52 -27.29
C GLN A 212 -1.74 20.40 -28.13
N LEU A 213 -2.09 19.16 -28.46
CA LEU A 213 -3.24 18.89 -29.29
C LEU A 213 -4.55 19.16 -28.59
N HIS A 214 -5.56 19.52 -29.40
CA HIS A 214 -6.94 19.70 -28.98
C HIS A 214 -7.55 18.30 -28.81
N GLU A 215 -8.72 18.21 -28.13
CA GLU A 215 -9.44 16.95 -27.96
C GLU A 215 -9.81 16.36 -29.32
N GLU A 216 -10.21 17.23 -30.26
CA GLU A 216 -10.59 16.84 -31.63
C GLU A 216 -9.42 16.19 -32.37
N GLU A 217 -8.20 16.69 -32.18
CA GLU A 217 -7.03 16.12 -32.84
C GLU A 217 -6.67 14.75 -32.26
N TYR A 218 -6.79 14.56 -30.93
CA TYR A 218 -6.53 13.25 -30.31
C TYR A 218 -7.55 12.22 -30.82
N VAL A 219 -8.83 12.61 -30.91
CA VAL A 219 -9.87 11.68 -31.33
C VAL A 219 -9.76 11.33 -32.84
N LEU A 220 -9.26 12.26 -33.67
CA LEU A 220 -9.00 11.97 -35.07
C LEU A 220 -7.76 11.05 -35.19
N MET A 221 -6.76 11.21 -34.29
CA MET A 221 -5.59 10.30 -34.24
C MET A 221 -6.06 8.88 -33.90
N GLN A 222 -7.02 8.75 -32.94
CA GLN A 222 -7.58 7.44 -32.57
C GLN A 222 -8.31 6.81 -33.77
N ALA A 223 -9.09 7.58 -34.52
CA ALA A 223 -9.80 7.05 -35.69
C ALA A 223 -8.82 6.64 -36.80
N ILE A 224 -7.75 7.43 -37.04
CA ILE A 224 -6.77 7.09 -38.05
C ILE A 224 -6.06 5.78 -37.69
N SER A 225 -5.70 5.64 -36.41
CA SER A 225 -5.06 4.41 -35.93
C SER A 225 -6.03 3.21 -35.96
N LEU A 226 -7.30 3.41 -35.57
CA LEU A 226 -8.31 2.35 -35.54
C LEU A 226 -8.59 1.83 -36.94
N PHE A 227 -8.78 2.75 -37.89
CA PHE A 227 -9.07 2.34 -39.26
C PHE A 227 -7.78 2.12 -40.08
N SER A 228 -6.91 1.20 -39.66
CA SER A 228 -5.69 0.89 -40.38
C SER A 228 -5.97 -0.28 -41.30
N PRO A 229 -5.95 -0.06 -42.63
CA PRO A 229 -6.29 -1.15 -43.55
C PRO A 229 -5.28 -2.30 -43.62
N ASP A 230 -4.08 -2.10 -43.09
CA ASP A 230 -3.03 -3.10 -43.17
C ASP A 230 -2.81 -3.94 -41.91
N ARG A 231 -3.78 -3.99 -40.99
CA ARG A 231 -3.66 -4.85 -39.80
C ARG A 231 -3.85 -6.31 -40.23
N PRO A 232 -3.21 -7.29 -39.55
CA PRO A 232 -3.42 -8.69 -39.91
C PRO A 232 -4.89 -9.10 -39.81
N GLY A 233 -5.37 -9.83 -40.80
CA GLY A 233 -6.74 -10.32 -40.81
C GLY A 233 -7.80 -9.43 -41.44
N VAL A 234 -7.45 -8.19 -41.83
CA VAL A 234 -8.41 -7.29 -42.45
C VAL A 234 -8.75 -7.73 -43.89
N LEU A 235 -10.04 -7.89 -44.18
CA LEU A 235 -10.49 -8.32 -45.50
C LEU A 235 -10.94 -7.14 -46.35
N GLN A 236 -11.69 -6.19 -45.76
CA GLN A 236 -12.17 -5.02 -46.46
C GLN A 236 -11.08 -3.93 -46.50
N HIS A 237 -9.93 -4.25 -47.11
CA HIS A 237 -8.80 -3.32 -47.21
CA HIS A 237 -8.80 -3.33 -47.23
C HIS A 237 -9.20 -1.98 -47.82
N ARG A 238 -9.91 -1.99 -48.97
CA ARG A 238 -10.33 -0.77 -49.66
C ARG A 238 -11.35 0.07 -48.89
N VAL A 239 -12.24 -0.57 -48.14
CA VAL A 239 -13.24 0.16 -47.35
C VAL A 239 -12.56 0.87 -46.18
N VAL A 240 -11.73 0.15 -45.43
CA VAL A 240 -11.01 0.70 -44.28
C VAL A 240 -10.00 1.77 -44.71
N ASP A 241 -9.36 1.57 -45.88
CA ASP A 241 -8.41 2.53 -46.42
C ASP A 241 -9.10 3.85 -46.79
N GLN A 242 -10.31 3.75 -47.36
CA GLN A 242 -11.09 4.93 -47.73
C GLN A 242 -11.52 5.69 -46.50
N LEU A 243 -11.92 4.97 -45.44
CA LEU A 243 -12.31 5.58 -44.17
C LEU A 243 -11.10 6.28 -43.52
N GLN A 244 -9.92 5.63 -43.48
CA GLN A 244 -8.73 6.23 -42.90
C GLN A 244 -8.31 7.50 -43.63
N GLU A 245 -8.39 7.49 -44.98
CA GLU A 245 -8.06 8.63 -45.82
C GLU A 245 -8.97 9.80 -45.48
N GLN A 246 -10.29 9.54 -45.31
CA GLN A 246 -11.22 10.63 -44.96
C GLN A 246 -11.02 11.17 -43.52
N PHE A 247 -10.58 10.34 -42.56
CA PHE A 247 -10.26 10.83 -41.22
C PHE A 247 -8.99 11.68 -41.28
N ALA A 248 -7.99 11.26 -42.08
CA ALA A 248 -6.72 12.00 -42.22
C ALA A 248 -6.95 13.34 -42.89
N ILE A 249 -7.75 13.37 -43.97
CA ILE A 249 -8.12 14.60 -44.65
C ILE A 249 -8.89 15.52 -43.69
N THR A 250 -9.79 14.95 -42.87
CA THR A 250 -10.55 15.73 -41.88
C THR A 250 -9.59 16.37 -40.83
N LEU A 251 -8.59 15.62 -40.36
CA LEU A 251 -7.60 16.15 -39.43
C LEU A 251 -6.78 17.26 -40.08
N LYS A 252 -6.34 17.07 -41.32
CA LYS A 252 -5.60 18.08 -42.05
C LYS A 252 -6.41 19.38 -42.20
N SER A 253 -7.69 19.26 -42.61
CA SER A 253 -8.62 20.38 -42.75
C SER A 253 -8.91 21.07 -41.43
N TYR A 254 -9.08 20.31 -40.35
CA TYR A 254 -9.32 20.86 -39.01
C TYR A 254 -8.14 21.78 -38.60
N ILE A 255 -6.90 21.34 -38.88
CA ILE A 255 -5.70 22.08 -38.54
C ILE A 255 -5.57 23.38 -39.37
N GLU A 256 -5.89 23.30 -40.65
CA GLU A 256 -5.85 24.46 -41.52
C GLU A 256 -6.88 25.51 -41.09
N CYS A 257 -8.07 25.06 -40.70
CA CYS A 257 -9.15 25.97 -40.35
CA CYS A 257 -9.21 25.88 -40.32
C CYS A 257 -9.08 26.49 -38.92
N ASN A 258 -8.52 25.71 -37.98
CA ASN A 258 -8.47 26.15 -36.58
C ASN A 258 -7.15 26.61 -36.04
N ARG A 259 -6.04 26.42 -36.74
CA ARG A 259 -4.73 26.82 -36.20
C ARG A 259 -4.16 28.06 -36.90
N PRO A 260 -3.58 29.03 -36.14
CA PRO A 260 -2.96 30.22 -36.78
C PRO A 260 -1.88 29.79 -37.78
N GLN A 261 -2.22 29.86 -39.08
CA GLN A 261 -1.47 29.37 -40.23
C GLN A 261 0.09 29.14 -39.98
N PRO A 262 1.00 30.16 -40.00
CA PRO A 262 2.45 29.87 -39.92
C PRO A 262 2.98 28.94 -38.82
N ALA A 263 2.70 29.15 -37.52
CA ALA A 263 3.31 28.30 -36.48
C ALA A 263 2.91 26.82 -36.55
N HIS A 264 1.73 26.52 -37.10
CA HIS A 264 1.24 25.13 -37.18
C HIS A 264 1.26 24.55 -38.60
N ARG A 265 2.09 25.13 -39.45
CA ARG A 265 2.28 24.79 -40.84
C ARG A 265 2.53 23.27 -41.07
N PHE A 266 3.30 22.62 -40.18
CA PHE A 266 3.58 21.20 -40.35
C PHE A 266 3.01 20.31 -39.28
N LEU A 267 2.05 20.80 -38.49
CA LEU A 267 1.43 20.05 -37.41
C LEU A 267 0.79 18.74 -37.88
N PHE A 268 0.09 18.75 -39.02
CA PHE A 268 -0.52 17.52 -39.53
C PHE A 268 0.56 16.43 -39.80
N LEU A 269 1.67 16.79 -40.42
CA LEU A 269 2.78 15.88 -40.72
C LEU A 269 3.46 15.36 -39.46
N LYS A 270 3.56 16.21 -38.43
CA LYS A 270 4.13 15.79 -37.16
C LYS A 270 3.21 14.74 -36.51
N ILE A 271 1.91 14.94 -36.58
CA ILE A 271 0.95 13.98 -36.04
C ILE A 271 1.03 12.64 -36.79
N MET A 272 1.08 12.66 -38.14
CA MET A 272 1.19 11.43 -38.92
C MET A 272 2.49 10.69 -38.62
N ALA A 273 3.60 11.45 -38.38
CA ALA A 273 4.88 10.84 -38.01
C ALA A 273 4.78 10.21 -36.62
N MET A 274 4.05 10.83 -35.69
CA MET A 274 3.84 10.27 -34.35
C MET A 274 3.02 8.97 -34.46
N LEU A 275 2.02 8.93 -35.34
CA LEU A 275 1.22 7.71 -35.56
C LEU A 275 2.06 6.56 -36.13
N THR A 276 3.04 6.87 -36.98
CA THR A 276 3.97 5.90 -37.56
C THR A 276 4.87 5.36 -36.45
N GLU A 277 5.39 6.26 -35.61
CA GLU A 277 6.22 5.86 -34.48
C GLU A 277 5.43 4.96 -33.50
N LEU A 278 4.18 5.32 -33.23
CA LEU A 278 3.29 4.56 -32.35
C LEU A 278 3.05 3.12 -32.88
N ARG A 279 2.88 2.96 -34.18
CA ARG A 279 2.70 1.63 -34.79
C ARG A 279 3.96 0.77 -34.62
N SER A 280 5.14 1.38 -34.68
CA SER A 280 6.41 0.70 -34.51
C SER A 280 6.55 0.27 -33.05
N ILE A 281 6.22 1.15 -32.10
CA ILE A 281 6.29 0.84 -30.68
C ILE A 281 5.27 -0.25 -30.31
N ASN A 282 4.10 -0.25 -30.96
CA ASN A 282 3.09 -1.27 -30.77
C ASN A 282 3.64 -2.68 -31.11
N ALA A 283 4.42 -2.80 -32.19
CA ALA A 283 5.03 -4.06 -32.59
C ALA A 283 6.04 -4.53 -31.55
N GLN A 284 6.85 -3.60 -30.99
CA GLN A 284 7.83 -3.95 -29.97
C GLN A 284 7.14 -4.36 -28.66
N HIS A 285 6.03 -3.68 -28.33
CA HIS A 285 5.29 -3.96 -27.11
C HIS A 285 4.63 -5.35 -27.18
N THR A 286 4.02 -5.69 -28.31
CA THR A 286 3.36 -6.99 -28.50
C THR A 286 4.35 -8.14 -28.35
N GLN A 287 5.53 -8.02 -28.96
CA GLN A 287 6.54 -9.06 -28.86
C GLN A 287 7.12 -9.18 -27.44
N ARG A 288 7.24 -8.07 -26.71
CA ARG A 288 7.73 -8.06 -25.34
C ARG A 288 6.71 -8.80 -24.46
N LEU A 289 5.42 -8.46 -24.62
CA LEU A 289 4.32 -9.04 -23.89
C LEU A 289 4.19 -10.54 -24.08
N LEU A 290 4.30 -11.03 -25.32
CA LEU A 290 4.21 -12.46 -25.60
C LEU A 290 5.36 -13.23 -24.94
N ARG A 291 6.57 -12.62 -24.91
CA ARG A 291 7.73 -13.24 -24.27
C ARG A 291 7.52 -13.34 -22.76
N ILE A 292 6.97 -12.29 -22.12
CA ILE A 292 6.72 -12.28 -20.68
C ILE A 292 5.62 -13.29 -20.35
N GLN A 293 4.53 -13.30 -21.15
CA GLN A 293 3.41 -14.22 -20.97
C GLN A 293 3.87 -15.67 -21.09
N ASP A 294 4.80 -15.95 -22.03
CA ASP A 294 5.33 -17.29 -22.26
C ASP A 294 6.04 -17.88 -21.06
N ILE A 295 6.73 -17.06 -20.26
CA ILE A 295 7.43 -17.58 -19.08
C ILE A 295 6.73 -17.28 -17.75
N HIS A 296 5.82 -16.29 -17.74
CA HIS A 296 5.09 -15.92 -16.54
C HIS A 296 3.70 -15.41 -16.93
N PRO A 297 2.72 -16.30 -17.05
CA PRO A 297 1.36 -15.87 -17.44
C PRO A 297 0.77 -14.77 -16.56
N PHE A 298 0.20 -13.74 -17.18
CA PHE A 298 -0.39 -12.61 -16.45
C PHE A 298 -1.59 -12.01 -17.18
N ALA A 299 -1.65 -12.14 -18.51
CA ALA A 299 -2.71 -11.56 -19.31
C ALA A 299 -4.10 -12.06 -18.92
N THR A 300 -5.05 -11.15 -18.85
CA THR A 300 -6.43 -11.50 -18.57
C THR A 300 -7.04 -12.15 -19.85
N PRO A 301 -8.20 -12.80 -19.78
CA PRO A 301 -8.78 -13.41 -21.00
C PRO A 301 -8.99 -12.42 -22.17
N LEU A 302 -9.35 -11.17 -21.89
CA LEU A 302 -9.50 -10.16 -22.95
C LEU A 302 -8.14 -9.81 -23.59
N MET A 303 -7.09 -9.67 -22.78
CA MET A 303 -5.75 -9.39 -23.31
C MET A 303 -5.26 -10.56 -24.16
N GLN A 304 -5.55 -11.80 -23.75
CA GLN A 304 -5.13 -12.99 -24.52
C GLN A 304 -5.73 -12.95 -25.95
N GLU A 305 -7.01 -12.61 -26.04
CA GLU A 305 -7.67 -12.47 -27.35
C GLU A 305 -7.11 -11.33 -28.19
N LEU A 306 -6.90 -10.14 -27.59
CA LEU A 306 -6.38 -8.99 -28.31
C LEU A 306 -4.95 -9.21 -28.79
N PHE A 307 -4.12 -9.90 -28.00
CA PHE A 307 -2.73 -10.07 -28.35
C PHE A 307 -2.37 -11.43 -28.99
N GLY A 308 -3.36 -12.32 -29.19
CA GLY A 308 -3.13 -13.59 -29.86
C GLY A 308 -2.58 -14.74 -29.03
N ILE A 309 -2.81 -14.71 -27.71
CA ILE A 309 -2.36 -15.72 -26.78
C ILE A 309 -3.30 -16.94 -26.73
N SER A 323 -13.70 -18.38 -38.57
CA SER A 323 -13.10 -18.87 -37.34
C SER A 323 -12.47 -17.79 -36.47
N LEU A 324 -12.47 -16.52 -36.92
CA LEU A 324 -11.95 -15.43 -36.10
C LEU A 324 -12.94 -15.13 -34.96
N THR A 325 -14.25 -15.25 -35.22
CA THR A 325 -15.25 -15.03 -34.17
C THR A 325 -15.20 -16.17 -33.12
N GLU A 326 -14.80 -17.40 -33.52
CA GLU A 326 -14.66 -18.53 -32.61
C GLU A 326 -13.44 -18.37 -31.70
N ARG A 327 -12.36 -17.79 -32.23
CA ARG A 327 -11.15 -17.57 -31.44
C ARG A 327 -11.20 -16.31 -30.58
N HIS A 328 -12.19 -15.43 -30.80
CA HIS A 328 -12.29 -14.18 -30.07
C HIS A 328 -13.71 -13.99 -29.55
N LYS A 329 -14.17 -14.92 -28.72
CA LYS A 329 -15.53 -14.91 -28.19
C LYS A 329 -15.85 -13.77 -27.23
N ILE A 330 -14.89 -13.32 -26.41
CA ILE A 330 -15.13 -12.18 -25.51
C ILE A 330 -15.28 -10.92 -26.36
N LEU A 331 -14.40 -10.73 -27.34
CA LEU A 331 -14.47 -9.59 -28.26
C LEU A 331 -15.77 -9.60 -29.05
N HIS A 332 -16.20 -10.77 -29.54
CA HIS A 332 -17.42 -10.90 -30.29
C HIS A 332 -18.64 -10.55 -29.43
N ARG A 333 -18.63 -11.00 -28.16
CA ARG A 333 -19.69 -10.69 -27.19
C ARG A 333 -19.73 -9.18 -26.92
N LEU A 334 -18.57 -8.57 -26.64
CA LEU A 334 -18.50 -7.13 -26.38
C LEU A 334 -18.97 -6.29 -27.56
N LEU A 335 -18.71 -6.75 -28.79
CA LEU A 335 -19.13 -6.05 -29.99
C LEU A 335 -20.63 -6.16 -30.27
N GLN A 336 -21.29 -7.27 -29.84
CA GLN A 336 -22.74 -7.38 -30.05
C GLN A 336 -23.56 -6.71 -28.96
N GLU A 337 -22.94 -6.37 -27.81
CA GLU A 337 -23.62 -5.72 -26.69
C GLU A 337 -23.92 -4.26 -27.01
N GLY B 20 29.24 -8.17 41.61
CA GLY B 20 28.80 -8.57 42.94
C GLY B 20 27.37 -9.09 42.98
N LEU B 21 26.88 -9.64 41.86
CA LEU B 21 25.53 -10.21 41.84
C LEU B 21 25.54 -11.58 42.54
N THR B 22 24.49 -11.89 43.33
CA THR B 22 24.39 -13.21 43.98
C THR B 22 24.00 -14.27 42.90
N GLU B 23 24.02 -15.57 43.27
CA GLU B 23 23.62 -16.64 42.35
C GLU B 23 22.12 -16.56 42.05
N GLU B 24 21.31 -16.17 43.06
CA GLU B 24 19.86 -16.06 42.96
C GLU B 24 19.47 -14.92 42.00
N GLN B 25 20.21 -13.79 42.09
CA GLN B 25 20.02 -12.63 41.23
C GLN B 25 20.46 -12.93 39.81
N ARG B 26 21.57 -13.69 39.62
CA ARG B 26 22.01 -14.05 38.27
C ARG B 26 20.97 -14.95 37.61
N MET B 27 20.45 -15.92 38.37
CA MET B 27 19.44 -16.87 37.89
C MET B 27 18.13 -16.16 37.56
N MET B 28 17.76 -15.14 38.35
CA MET B 28 16.55 -14.35 38.09
C MET B 28 16.67 -13.58 36.77
N ILE B 29 17.84 -12.97 36.53
CA ILE B 29 18.08 -12.26 35.29
C ILE B 29 18.09 -13.23 34.09
N ARG B 30 18.77 -14.37 34.24
CA ARG B 30 18.83 -15.39 33.20
C ARG B 30 17.43 -15.90 32.84
N GLU B 31 16.57 -16.12 33.85
CA GLU B 31 15.21 -16.56 33.61
C GLU B 31 14.41 -15.50 32.84
N LEU B 32 14.49 -14.22 33.27
CA LEU B 32 13.75 -13.13 32.62
C LEU B 32 14.23 -12.91 31.19
N MET B 33 15.56 -12.98 30.97
CA MET B 33 16.16 -12.83 29.65
C MET B 33 15.74 -13.96 28.69
N ASP B 34 15.67 -15.17 29.23
CA ASP B 34 15.26 -16.32 28.45
C ASP B 34 13.79 -16.18 28.07
N ALA B 35 12.93 -15.71 28.99
CA ALA B 35 11.50 -15.47 28.75
C ALA B 35 11.33 -14.40 27.67
N GLN B 36 12.14 -13.32 27.73
CA GLN B 36 12.10 -12.22 26.75
C GLN B 36 12.46 -12.73 25.35
N MET B 37 13.56 -13.51 25.24
CA MET B 37 14.02 -14.07 23.98
C MET B 37 12.96 -15.02 23.36
N LYS B 38 12.32 -15.85 24.18
CA LYS B 38 11.31 -16.79 23.69
C LYS B 38 9.97 -16.20 23.29
N THR B 39 9.66 -14.99 23.78
CA THR B 39 8.32 -14.44 23.59
C THR B 39 8.28 -13.06 22.95
N PHE B 40 9.43 -12.45 22.68
CA PHE B 40 9.46 -11.13 22.04
C PHE B 40 9.93 -11.32 20.61
N ASP B 41 9.00 -11.23 19.69
CA ASP B 41 9.29 -11.36 18.27
C ASP B 41 9.81 -9.98 17.83
N THR B 42 11.11 -9.72 18.01
CA THR B 42 11.72 -8.42 17.75
C THR B 42 11.69 -8.00 16.29
N THR B 43 11.66 -8.98 15.37
CA THR B 43 11.58 -8.67 13.95
C THR B 43 10.12 -8.59 13.43
N PHE B 44 9.12 -8.85 14.31
CA PHE B 44 7.70 -8.83 13.95
C PHE B 44 7.38 -9.76 12.78
N SER B 45 8.20 -10.80 12.55
CA SER B 45 8.00 -11.70 11.42
C SER B 45 6.77 -12.60 11.55
N HIS B 46 6.18 -12.72 12.74
CA HIS B 46 4.94 -13.50 12.90
C HIS B 46 3.68 -12.59 13.01
N PHE B 47 3.85 -11.27 12.91
CA PHE B 47 2.72 -10.35 12.90
C PHE B 47 2.21 -10.38 11.46
N LYS B 48 1.16 -11.18 11.22
CA LYS B 48 0.59 -11.36 9.88
C LYS B 48 -0.93 -11.18 9.92
N ASN B 49 -1.54 -11.03 8.74
CA ASN B 49 -2.98 -10.93 8.53
C ASN B 49 -3.64 -9.81 9.31
N PHE B 50 -2.97 -8.67 9.39
CA PHE B 50 -3.50 -7.52 10.07
C PHE B 50 -4.29 -6.63 9.11
N ARG B 51 -5.18 -5.79 9.66
CA ARG B 51 -5.92 -4.85 8.86
C ARG B 51 -5.05 -3.64 8.58
N LEU B 52 -5.34 -2.96 7.50
CA LEU B 52 -4.65 -1.77 7.07
C LEU B 52 -5.68 -0.72 6.70
N PRO B 53 -5.33 0.57 6.80
CA PRO B 53 -6.26 1.61 6.31
C PRO B 53 -6.52 1.36 4.82
N GLY B 54 -7.79 1.22 4.45
CA GLY B 54 -8.21 0.87 3.09
C GLY B 54 -7.65 1.74 2.00
N VAL B 55 -7.62 1.24 0.75
CA VAL B 55 -7.08 1.99 -0.37
C VAL B 55 -8.19 2.70 -1.15
N LYS B 88 0.58 12.47 14.33
CA LYS B 88 0.72 12.24 12.89
C LYS B 88 1.85 11.24 12.60
N VAL B 89 1.51 10.02 12.18
CA VAL B 89 2.53 8.99 11.90
C VAL B 89 2.29 8.36 10.51
N SER B 90 3.36 8.15 9.74
CA SER B 90 3.28 7.46 8.47
C SER B 90 3.68 5.97 8.70
N LEU B 91 3.04 5.06 7.99
CA LEU B 91 3.35 3.63 8.12
C LEU B 91 4.10 3.22 6.87
N GLN B 92 5.21 2.51 7.04
CA GLN B 92 5.99 2.02 5.91
C GLN B 92 6.06 0.50 6.05
N LEU B 93 5.68 -0.23 5.00
CA LEU B 93 5.69 -1.68 4.92
C LEU B 93 6.69 -2.09 3.86
N ARG B 94 7.87 -2.55 4.25
CA ARG B 94 8.88 -2.98 3.32
C ARG B 94 8.65 -4.43 2.93
N GLY B 95 8.62 -4.68 1.63
CA GLY B 95 8.48 -6.02 1.11
C GLY B 95 9.82 -6.71 1.10
N GLU B 96 9.82 -8.05 1.18
CA GLU B 96 11.07 -8.83 1.16
C GLU B 96 11.86 -8.69 -0.17
N ASP B 97 11.28 -8.01 -1.17
CA ASP B 97 11.89 -7.80 -2.47
C ASP B 97 12.51 -6.40 -2.65
N GLY B 98 12.35 -5.50 -1.70
CA GLY B 98 12.89 -4.15 -1.80
C GLY B 98 11.83 -3.08 -1.84
N SER B 99 10.68 -3.38 -2.47
CA SER B 99 9.53 -2.48 -2.60
C SER B 99 9.00 -1.95 -1.28
N VAL B 100 8.45 -0.73 -1.27
CA VAL B 100 7.90 -0.13 -0.07
C VAL B 100 6.47 0.41 -0.30
N TRP B 101 5.56 0.13 0.65
CA TRP B 101 4.22 0.67 0.64
C TRP B 101 4.18 1.67 1.81
N ASN B 102 3.91 2.94 1.53
CA ASN B 102 3.87 3.98 2.53
C ASN B 102 2.48 4.59 2.65
N TYR B 103 2.01 4.78 3.88
CA TYR B 103 0.72 5.37 4.15
C TYR B 103 0.87 6.71 4.85
N LYS B 104 0.56 7.81 4.15
CA LYS B 104 0.58 9.15 4.72
C LYS B 104 -0.85 9.43 5.14
N PRO B 105 -1.08 9.76 6.42
CA PRO B 105 -2.47 9.97 6.88
C PRO B 105 -3.11 11.29 6.39
N PRO B 106 -4.44 11.42 6.52
CA PRO B 106 -5.09 12.65 6.03
C PRO B 106 -4.50 13.95 6.58
N ILE B 114 -9.94 10.12 11.82
CA ILE B 114 -8.82 9.30 12.33
C ILE B 114 -9.25 7.96 12.90
N PHE B 115 -10.40 7.43 12.46
CA PHE B 115 -10.91 6.11 12.83
C PHE B 115 -10.39 5.01 11.86
N SER B 116 -9.77 5.39 10.74
CA SER B 116 -9.26 4.46 9.73
C SER B 116 -7.97 3.73 10.17
N LEU B 117 -7.26 4.24 11.19
CA LEU B 117 -6.04 3.61 11.70
C LEU B 117 -6.33 2.62 12.85
N LEU B 118 -7.43 2.81 13.58
CA LEU B 118 -7.84 1.99 14.72
C LEU B 118 -7.83 0.49 14.47
N PRO B 119 -8.40 -0.08 13.39
CA PRO B 119 -8.30 -1.54 13.20
C PRO B 119 -6.84 -2.04 13.15
N HIS B 120 -5.95 -1.31 12.46
CA HIS B 120 -4.54 -1.68 12.39
C HIS B 120 -3.89 -1.62 13.78
N MET B 121 -4.14 -0.53 14.53
CA MET B 121 -3.59 -0.35 15.88
C MET B 121 -4.09 -1.48 16.81
N ALA B 122 -5.38 -1.86 16.69
CA ALA B 122 -5.97 -2.91 17.51
C ALA B 122 -5.27 -4.24 17.21
N ASP B 123 -4.97 -4.51 15.93
CA ASP B 123 -4.27 -5.73 15.55
C ASP B 123 -2.82 -5.74 16.08
N MET B 124 -2.10 -4.62 15.96
CA MET B 124 -0.71 -4.56 16.46
C MET B 124 -0.70 -4.71 18.00
N SER B 125 -1.60 -4.01 18.71
CA SER B 125 -1.71 -4.09 20.16
C SER B 125 -2.01 -5.51 20.60
N THR B 126 -2.97 -6.16 19.96
CA THR B 126 -3.38 -7.53 20.28
C THR B 126 -2.21 -8.49 20.07
N TYR B 127 -1.46 -8.31 18.98
CA TYR B 127 -0.29 -9.12 18.73
C TYR B 127 0.77 -8.94 19.87
N MET B 128 1.03 -7.69 20.28
CA MET B 128 1.97 -7.39 21.35
C MET B 128 1.49 -7.96 22.69
N PHE B 129 0.19 -7.81 23.00
CA PHE B 129 -0.39 -8.33 24.25
C PHE B 129 -0.24 -9.84 24.33
N LYS B 130 -0.41 -10.54 23.22
CA LYS B 130 -0.21 -12.00 23.20
C LYS B 130 1.23 -12.37 23.57
N GLY B 131 2.21 -11.61 23.08
CA GLY B 131 3.61 -11.82 23.44
C GLY B 131 3.89 -11.56 24.90
N ILE B 132 3.22 -10.53 25.48
CA ILE B 132 3.36 -10.17 26.89
CA ILE B 132 3.37 -10.18 26.91
C ILE B 132 2.72 -11.24 27.80
N ILE B 133 1.59 -11.82 27.38
CA ILE B 133 0.95 -12.91 28.14
C ILE B 133 1.89 -14.12 28.14
N SER B 134 2.52 -14.42 26.97
CA SER B 134 3.47 -15.53 26.85
C SER B 134 4.69 -15.28 27.71
N PHE B 135 5.17 -14.01 27.78
CA PHE B 135 6.30 -13.63 28.64
C PHE B 135 5.99 -13.97 30.10
N ALA B 136 4.82 -13.53 30.60
CA ALA B 136 4.44 -13.79 32.00
C ALA B 136 4.31 -15.29 32.26
N LYS B 137 3.72 -16.05 31.31
CA LYS B 137 3.56 -17.53 31.44
C LYS B 137 4.87 -18.33 31.60
N VAL B 138 5.98 -17.89 30.99
CA VAL B 138 7.31 -18.55 31.08
C VAL B 138 7.94 -18.33 32.47
N ILE B 139 7.58 -17.26 33.18
CA ILE B 139 8.18 -16.95 34.47
C ILE B 139 7.61 -17.80 35.59
N SER B 140 8.47 -18.55 36.30
CA SER B 140 8.06 -19.41 37.40
C SER B 140 7.33 -18.64 38.51
N TYR B 141 7.85 -17.47 38.90
CA TYR B 141 7.21 -16.63 39.92
C TYR B 141 5.76 -16.25 39.56
N PHE B 142 5.48 -16.07 38.25
CA PHE B 142 4.14 -15.74 37.78
C PHE B 142 3.28 -16.99 37.68
N ARG B 143 3.85 -18.07 37.13
CA ARG B 143 3.22 -19.36 36.92
C ARG B 143 2.66 -19.92 38.22
N ASP B 144 3.39 -19.75 39.34
CA ASP B 144 2.94 -20.26 40.63
C ASP B 144 1.84 -19.45 41.30
N LEU B 145 1.48 -18.28 40.77
CA LEU B 145 0.42 -17.46 41.37
C LEU B 145 -0.96 -18.02 41.00
N PRO B 146 -2.01 -17.76 41.82
CA PRO B 146 -3.36 -18.20 41.43
C PRO B 146 -3.79 -17.58 40.09
N ILE B 147 -4.58 -18.31 39.27
CA ILE B 147 -4.98 -17.85 37.95
C ILE B 147 -5.74 -16.50 37.99
N GLU B 148 -6.47 -16.20 39.07
CA GLU B 148 -7.17 -14.92 39.18
C GLU B 148 -6.19 -13.78 39.38
N ASP B 149 -5.12 -14.02 40.15
CA ASP B 149 -4.08 -13.01 40.32
C ASP B 149 -3.24 -12.85 39.04
N GLN B 150 -3.09 -13.93 38.26
CA GLN B 150 -2.41 -13.86 36.98
C GLN B 150 -3.22 -12.98 36.01
N ILE B 151 -4.57 -13.13 36.02
CA ILE B 151 -5.47 -12.31 35.17
C ILE B 151 -5.37 -10.85 35.59
N SER B 152 -5.42 -10.59 36.90
CA SER B 152 -5.34 -9.25 37.47
C SER B 152 -4.04 -8.52 37.19
N LEU B 153 -2.91 -9.23 37.29
CA LEU B 153 -1.61 -8.64 36.99
C LEU B 153 -1.46 -8.30 35.52
N LEU B 154 -1.97 -9.16 34.64
CA LEU B 154 -1.87 -8.94 33.19
C LEU B 154 -2.79 -7.80 32.74
N LYS B 155 -4.00 -7.71 33.31
CA LYS B 155 -4.90 -6.59 33.01
C LYS B 155 -4.27 -5.26 33.43
N GLY B 156 -3.58 -5.26 34.58
CA GLY B 156 -2.94 -4.06 35.07
C GLY B 156 -1.67 -3.67 34.33
N ALA B 157 -0.89 -4.64 33.80
CA ALA B 157 0.40 -4.33 33.18
C ALA B 157 0.51 -4.45 31.67
N ALA B 158 -0.48 -5.03 30.97
CA ALA B 158 -0.39 -5.25 29.51
C ALA B 158 0.14 -4.04 28.71
N PHE B 159 -0.48 -2.85 28.87
CA PHE B 159 -0.07 -1.64 28.17
C PHE B 159 1.36 -1.25 28.55
N GLU B 160 1.71 -1.32 29.84
CA GLU B 160 3.02 -0.92 30.33
C GLU B 160 4.12 -1.77 29.74
N LEU B 161 3.91 -3.09 29.72
CA LEU B 161 4.92 -4.01 29.16
C LEU B 161 5.06 -3.84 27.66
N CYS B 162 3.95 -3.52 26.98
CA CYS B 162 3.95 -3.30 25.54
C CYS B 162 4.75 -2.01 25.22
N GLN B 163 4.59 -0.96 26.00
CA GLN B 163 5.37 0.28 25.81
C GLN B 163 6.84 0.06 26.08
N LEU B 164 7.18 -0.75 27.09
CA LEU B 164 8.57 -1.07 27.38
C LEU B 164 9.21 -1.82 26.20
N ARG B 165 8.51 -2.83 25.64
CA ARG B 165 9.00 -3.54 24.47
C ARG B 165 9.09 -2.61 23.24
N PHE B 166 8.09 -1.75 23.02
CA PHE B 166 8.16 -0.81 21.89
C PHE B 166 9.35 0.17 22.04
N ASN B 167 9.72 0.55 23.29
CA ASN B 167 10.84 1.47 23.46
C ASN B 167 12.15 0.86 22.93
N THR B 168 12.30 -0.49 23.01
CA THR B 168 13.52 -1.15 22.50
C THR B 168 13.66 -1.09 20.98
N VAL B 169 12.56 -0.86 20.26
CA VAL B 169 12.61 -0.72 18.81
C VAL B 169 12.41 0.76 18.36
N PHE B 170 12.36 1.70 19.32
CA PHE B 170 12.17 3.11 19.04
C PHE B 170 13.49 3.74 18.65
N ASN B 171 13.54 4.40 17.48
CA ASN B 171 14.73 5.10 17.03
C ASN B 171 14.44 6.57 17.33
N ALA B 172 15.08 7.12 18.37
CA ALA B 172 14.86 8.50 18.77
C ALA B 172 15.43 9.50 17.78
N GLU B 173 16.48 9.12 17.00
CA GLU B 173 17.06 10.06 16.03
C GLU B 173 16.18 10.27 14.80
N THR B 174 15.32 9.32 14.46
CA THR B 174 14.40 9.47 13.32
C THR B 174 12.92 9.52 13.74
N GLY B 175 12.62 9.42 15.03
CA GLY B 175 11.25 9.41 15.53
C GLY B 175 10.45 8.25 14.99
N THR B 176 11.07 7.05 14.90
CA THR B 176 10.40 5.90 14.30
C THR B 176 10.46 4.61 15.13
N TRP B 177 9.34 3.89 15.26
CA TRP B 177 9.34 2.57 15.89
C TRP B 177 9.64 1.59 14.75
N GLU B 178 10.79 0.90 14.84
CA GLU B 178 11.24 -0.01 13.79
C GLU B 178 10.80 -1.41 14.10
N CYS B 179 9.63 -1.78 13.59
CA CYS B 179 9.00 -3.08 13.83
C CYS B 179 9.22 -4.08 12.71
N GLY B 180 10.47 -4.45 12.49
CA GLY B 180 10.82 -5.36 11.40
C GLY B 180 10.54 -4.72 10.07
N ARG B 181 9.64 -5.34 9.27
CA ARG B 181 9.28 -4.79 7.97
C ARG B 181 8.27 -3.62 8.04
N LEU B 182 7.77 -3.28 9.24
CA LEU B 182 6.82 -2.19 9.48
C LEU B 182 7.53 -1.06 10.22
N SER B 183 7.35 0.19 9.81
CA SER B 183 7.98 1.34 10.47
C SER B 183 6.89 2.38 10.71
N TYR B 184 6.76 2.83 11.95
CA TYR B 184 5.79 3.85 12.31
C TYR B 184 6.61 5.10 12.57
N CYS B 185 6.58 6.04 11.61
CA CYS B 185 7.41 7.25 11.67
C CYS B 185 6.62 8.49 12.03
N LEU B 186 7.05 9.22 13.07
CA LEU B 186 6.41 10.48 13.47
C LEU B 186 6.61 11.55 12.39
N GLU B 187 5.53 12.15 11.94
CA GLU B 187 5.58 13.18 10.91
C GLU B 187 5.86 14.56 11.51
N PHE B 193 10.27 17.93 18.25
CA PHE B 193 9.56 19.19 18.37
C PHE B 193 9.07 19.42 19.81
N GLN B 194 8.79 20.68 20.16
CA GLN B 194 8.29 21.03 21.48
C GLN B 194 6.83 20.59 21.63
N GLN B 195 6.03 20.71 20.55
CA GLN B 195 4.63 20.30 20.55
C GLN B 195 4.48 18.78 20.52
N LEU B 196 5.47 18.05 19.99
CA LEU B 196 5.40 16.58 19.96
C LEU B 196 5.70 16.03 21.35
N LEU B 197 6.74 16.59 22.03
CA LEU B 197 7.09 16.19 23.41
C LEU B 197 5.99 16.56 24.43
N LEU B 198 4.96 17.32 24.01
CA LEU B 198 3.83 17.67 24.87
C LEU B 198 2.96 16.42 25.13
N GLU B 199 2.94 15.41 24.23
CA GLU B 199 2.18 14.18 24.47
C GLU B 199 2.99 13.26 25.43
N PRO B 200 2.43 12.94 26.61
CA PRO B 200 3.18 12.17 27.61
C PRO B 200 3.77 10.83 27.15
N MET B 201 3.06 10.08 26.29
CA MET B 201 3.56 8.81 25.78
C MET B 201 4.78 8.99 24.89
N LEU B 202 4.80 10.07 24.10
CA LEU B 202 5.93 10.39 23.25
C LEU B 202 7.12 10.83 24.09
N LYS B 203 6.87 11.69 25.06
CA LYS B 203 7.90 12.17 25.97
C LYS B 203 8.53 11.00 26.75
N PHE B 204 7.70 10.03 27.17
CA PHE B 204 8.17 8.83 27.86
C PHE B 204 9.15 8.06 26.99
N HIS B 205 8.83 7.85 25.70
CA HIS B 205 9.67 7.12 24.76
C HIS B 205 11.02 7.81 24.56
N TYR B 206 11.01 9.13 24.36
CA TYR B 206 12.24 9.88 24.23
C TYR B 206 13.08 9.85 25.51
N MET B 207 12.47 10.05 26.68
CA MET B 207 13.21 10.05 27.97
C MET B 207 13.77 8.68 28.31
N LEU B 208 13.00 7.61 28.08
CA LEU B 208 13.48 6.26 28.38
C LEU B 208 14.61 5.86 27.43
N LYS B 209 14.49 6.20 26.16
CA LYS B 209 15.53 5.89 25.17
C LYS B 209 16.87 6.55 25.53
N LYS B 210 16.80 7.78 26.03
CA LYS B 210 17.95 8.59 26.45
C LYS B 210 18.74 7.93 27.61
N LEU B 211 18.12 7.05 28.40
CA LEU B 211 18.82 6.33 29.47
C LEU B 211 19.76 5.23 28.95
N GLN B 212 19.63 4.84 27.66
CA GLN B 212 20.46 3.82 27.02
C GLN B 212 20.54 2.53 27.82
N LEU B 213 19.39 1.98 28.16
CA LEU B 213 19.33 0.78 28.98
C LEU B 213 19.76 -0.46 28.25
N HIS B 214 20.32 -1.41 29.02
CA HIS B 214 20.70 -2.72 28.55
C HIS B 214 19.38 -3.56 28.45
N GLU B 215 19.45 -4.71 27.77
CA GLU B 215 18.33 -5.63 27.66
C GLU B 215 17.88 -6.10 29.05
N GLU B 216 18.84 -6.35 29.94
CA GLU B 216 18.59 -6.81 31.31
C GLU B 216 17.81 -5.78 32.10
N GLU B 217 18.10 -4.49 31.91
CA GLU B 217 17.39 -3.44 32.61
C GLU B 217 15.95 -3.30 32.13
N TYR B 218 15.71 -3.44 30.81
CA TYR B 218 14.36 -3.40 30.28
C TYR B 218 13.53 -4.57 30.81
N VAL B 219 14.11 -5.79 30.86
CA VAL B 219 13.39 -6.97 31.29
C VAL B 219 13.10 -6.94 32.81
N LEU B 220 13.98 -6.31 33.61
CA LEU B 220 13.73 -6.12 35.03
C LEU B 220 12.64 -5.03 35.22
N MET B 221 12.58 -4.01 34.34
CA MET B 221 11.49 -3.02 34.35
C MET B 221 10.15 -3.72 34.07
N GLN B 222 10.12 -4.67 33.10
CA GLN B 222 8.91 -5.42 32.78
C GLN B 222 8.47 -6.26 33.98
N ALA B 223 9.43 -6.92 34.66
CA ALA B 223 9.13 -7.73 35.84
C ALA B 223 8.57 -6.84 37.00
N ILE B 224 9.17 -5.66 37.23
CA ILE B 224 8.73 -4.76 38.29
C ILE B 224 7.31 -4.26 37.99
N SER B 225 7.04 -3.90 36.74
CA SER B 225 5.72 -3.46 36.34
C SER B 225 4.68 -4.62 36.40
N LEU B 226 5.05 -5.83 35.96
CA LEU B 226 4.15 -6.98 35.96
C LEU B 226 3.75 -7.35 37.39
N PHE B 227 4.74 -7.41 38.29
CA PHE B 227 4.45 -7.77 39.68
C PHE B 227 4.09 -6.55 40.53
N SER B 228 3.03 -5.83 40.17
CA SER B 228 2.58 -4.67 40.94
C SER B 228 1.51 -5.14 41.91
N PRO B 229 1.80 -5.12 43.22
CA PRO B 229 0.82 -5.64 44.19
C PRO B 229 -0.46 -4.81 44.34
N ASP B 230 -0.48 -3.57 43.83
CA ASP B 230 -1.64 -2.71 43.98
C ASP B 230 -2.55 -2.60 42.75
N ARG B 231 -2.49 -3.56 41.81
CA ARG B 231 -3.41 -3.54 40.67
C ARG B 231 -4.81 -3.95 41.16
N PRO B 232 -5.90 -3.45 40.55
CA PRO B 232 -7.25 -3.86 41.01
C PRO B 232 -7.44 -5.37 40.88
N GLY B 233 -8.03 -5.98 41.89
CA GLY B 233 -8.31 -7.42 41.88
C GLY B 233 -7.25 -8.33 42.45
N VAL B 234 -6.06 -7.80 42.80
CA VAL B 234 -4.99 -8.64 43.35
C VAL B 234 -5.30 -9.06 44.79
N LEU B 235 -5.26 -10.36 45.07
CA LEU B 235 -5.52 -10.89 46.39
C LEU B 235 -4.24 -11.18 47.16
N GLN B 236 -3.24 -11.76 46.50
CA GLN B 236 -1.96 -12.07 47.12
C GLN B 236 -1.05 -10.84 47.13
N HIS B 237 -1.48 -9.74 47.79
CA HIS B 237 -0.73 -8.49 47.91
C HIS B 237 0.67 -8.70 48.42
N ARG B 238 0.84 -9.43 49.54
CA ARG B 238 2.13 -9.67 50.17
C ARG B 238 3.07 -10.53 49.34
N VAL B 239 2.53 -11.50 48.59
CA VAL B 239 3.36 -12.36 47.74
C VAL B 239 3.91 -11.56 46.56
N VAL B 240 3.03 -10.84 45.86
CA VAL B 240 3.41 -10.03 44.71
C VAL B 240 4.33 -8.87 45.12
N ASP B 241 4.10 -8.28 46.31
CA ASP B 241 4.93 -7.20 46.83
C ASP B 241 6.36 -7.70 47.12
N GLN B 242 6.47 -8.92 47.66
CA GLN B 242 7.78 -9.51 47.96
C GLN B 242 8.54 -9.80 46.67
N LEU B 243 7.82 -10.29 45.64
CA LEU B 243 8.42 -10.55 44.33
C LEU B 243 8.90 -9.25 43.69
N GLN B 244 8.07 -8.19 43.71
CA GLN B 244 8.46 -6.90 43.13
C GLN B 244 9.71 -6.31 43.80
N GLU B 245 9.77 -6.42 45.14
CA GLU B 245 10.90 -5.93 45.93
C GLU B 245 12.19 -6.66 45.49
N GLN B 246 12.15 -7.99 45.32
CA GLN B 246 13.34 -8.72 44.86
C GLN B 246 13.76 -8.40 43.42
N PHE B 247 12.79 -8.10 42.52
CA PHE B 247 13.15 -7.68 41.17
C PHE B 247 13.80 -6.28 41.21
N ALA B 248 13.30 -5.39 42.09
CA ALA B 248 13.86 -4.05 42.21
C ALA B 248 15.28 -4.08 42.81
N ILE B 249 15.52 -4.96 43.80
CA ILE B 249 16.83 -5.12 44.41
C ILE B 249 17.82 -5.71 43.40
N THR B 250 17.34 -6.66 42.58
CA THR B 250 18.14 -7.24 41.51
C THR B 250 18.55 -6.16 40.50
N LEU B 251 17.63 -5.27 40.14
CA LEU B 251 17.92 -4.19 39.18
C LEU B 251 18.94 -3.21 39.76
N LYS B 252 18.78 -2.84 41.04
CA LYS B 252 19.71 -1.95 41.71
C LYS B 252 21.14 -2.53 41.71
N SER B 253 21.27 -3.82 42.09
CA SER B 253 22.55 -4.53 42.12
C SER B 253 23.16 -4.66 40.74
N TYR B 254 22.34 -4.98 39.73
CA TYR B 254 22.80 -5.09 38.36
C TYR B 254 23.47 -3.77 37.90
N ILE B 255 22.83 -2.63 38.18
CA ILE B 255 23.35 -1.32 37.82
C ILE B 255 24.66 -1.01 38.53
N GLU B 256 24.76 -1.32 39.84
CA GLU B 256 25.98 -1.09 40.60
C GLU B 256 27.14 -1.93 40.05
N CYS B 257 26.87 -3.15 39.63
CA CYS B 257 27.90 -4.04 39.09
C CYS B 257 28.30 -3.74 37.66
N ASN B 258 27.43 -3.11 36.84
CA ASN B 258 27.75 -2.91 35.43
C ASN B 258 27.77 -1.47 34.90
N ARG B 259 27.44 -0.44 35.71
CA ARG B 259 27.40 0.95 35.22
C ARG B 259 28.24 1.91 36.09
N PRO B 260 29.58 1.94 35.92
CA PRO B 260 30.38 2.84 36.77
C PRO B 260 30.51 4.28 36.27
N GLN B 261 30.07 4.57 35.05
CA GLN B 261 30.21 5.89 34.44
C GLN B 261 29.36 6.98 35.11
N PRO B 262 29.91 8.22 35.20
CA PRO B 262 29.13 9.34 35.80
C PRO B 262 27.81 9.61 35.05
N ALA B 263 27.75 9.26 33.74
CA ALA B 263 26.51 9.42 32.99
C ALA B 263 25.39 8.54 33.53
N HIS B 264 25.75 7.47 34.30
CA HIS B 264 24.78 6.55 34.88
C HIS B 264 24.52 6.78 36.37
N ARG B 265 24.90 7.96 36.91
CA ARG B 265 24.59 8.29 38.30
C ARG B 265 23.08 8.35 38.49
N PHE B 266 22.62 7.78 39.59
CA PHE B 266 21.19 7.74 39.93
C PHE B 266 20.33 6.98 38.95
N LEU B 267 20.94 6.11 38.12
CA LEU B 267 20.20 5.37 37.11
C LEU B 267 19.07 4.52 37.66
N PHE B 268 19.28 3.78 38.76
CA PHE B 268 18.20 2.97 39.36
C PHE B 268 16.99 3.85 39.74
N LEU B 269 17.24 4.97 40.45
CA LEU B 269 16.16 5.88 40.85
C LEU B 269 15.46 6.53 39.64
N LYS B 270 16.20 6.81 38.52
CA LYS B 270 15.59 7.34 37.29
C LYS B 270 14.65 6.30 36.69
N ILE B 271 15.05 5.04 36.69
CA ILE B 271 14.22 3.97 36.18
C ILE B 271 12.95 3.80 37.01
N MET B 272 13.05 3.82 38.35
CA MET B 272 11.88 3.70 39.21
C MET B 272 10.91 4.86 39.01
N ALA B 273 11.45 6.08 38.77
CA ALA B 273 10.62 7.25 38.49
C ALA B 273 9.95 7.11 37.10
N MET B 274 10.63 6.53 36.11
CA MET B 274 10.04 6.27 34.79
C MET B 274 8.90 5.24 34.93
N LEU B 275 9.07 4.22 35.79
CA LEU B 275 8.01 3.22 36.03
C LEU B 275 6.76 3.85 36.68
N THR B 276 6.96 4.85 37.56
CA THR B 276 5.87 5.58 38.20
C THR B 276 5.15 6.43 37.13
N GLU B 277 5.92 7.11 36.27
CA GLU B 277 5.34 7.90 35.18
C GLU B 277 4.56 6.99 34.20
N LEU B 278 5.10 5.82 33.88
CA LEU B 278 4.44 4.84 33.02
C LEU B 278 3.09 4.37 33.58
N ARG B 279 2.99 4.14 34.89
CA ARG B 279 1.74 3.75 35.51
C ARG B 279 0.68 4.86 35.41
N SER B 280 1.12 6.12 35.49
CA SER B 280 0.25 7.27 35.38
C SER B 280 -0.25 7.39 33.94
N ILE B 281 0.64 7.23 32.95
CA ILE B 281 0.27 7.28 31.54
C ILE B 281 -0.66 6.11 31.18
N ASN B 282 -0.46 4.94 31.79
CA ASN B 282 -1.33 3.80 31.60
C ASN B 282 -2.80 4.14 31.97
N ALA B 283 -3.00 4.88 33.08
CA ALA B 283 -4.33 5.29 33.51
C ALA B 283 -4.95 6.27 32.51
N GLN B 284 -4.16 7.20 31.96
CA GLN B 284 -4.66 8.14 30.95
C GLN B 284 -4.96 7.45 29.62
N HIS B 285 -4.16 6.45 29.26
CA HIS B 285 -4.38 5.69 28.03
C HIS B 285 -5.67 4.86 28.10
N THR B 286 -5.90 4.19 29.23
CA THR B 286 -7.09 3.37 29.43
C THR B 286 -8.35 4.21 29.30
N GLN B 287 -8.38 5.40 29.93
CA GLN B 287 -9.54 6.27 29.86
C GLN B 287 -9.76 6.85 28.46
N ARG B 288 -8.68 7.12 27.71
CA ARG B 288 -8.77 7.60 26.33
C ARG B 288 -9.39 6.51 25.46
N LEU B 289 -8.89 5.27 25.60
CA LEU B 289 -9.34 4.10 24.86
C LEU B 289 -10.82 3.79 25.10
N LEU B 290 -11.27 3.84 26.35
CA LEU B 290 -12.67 3.57 26.68
C LEU B 290 -13.59 4.62 26.06
N ARG B 291 -13.14 5.89 26.00
CA ARG B 291 -13.93 6.97 25.39
C ARG B 291 -14.03 6.76 23.87
N ILE B 292 -12.95 6.33 23.21
CA ILE B 292 -12.96 6.07 21.77
C ILE B 292 -13.83 4.84 21.47
N GLN B 293 -13.70 3.78 22.27
CA GLN B 293 -14.47 2.55 22.13
C GLN B 293 -15.97 2.83 22.32
N ASP B 294 -16.32 3.74 23.24
CA ASP B 294 -17.70 4.09 23.52
C ASP B 294 -18.42 4.73 22.34
N ILE B 295 -17.70 5.50 21.51
CA ILE B 295 -18.35 6.14 20.36
C ILE B 295 -18.01 5.45 19.02
N HIS B 296 -16.95 4.65 18.98
CA HIS B 296 -16.54 3.96 17.77
C HIS B 296 -15.83 2.65 18.16
N PRO B 297 -16.60 1.55 18.32
CA PRO B 297 -15.98 0.27 18.69
C PRO B 297 -14.85 -0.18 17.77
N PHE B 298 -13.73 -0.62 18.34
CA PHE B 298 -12.57 -1.05 17.57
C PHE B 298 -11.77 -2.15 18.28
N ALA B 299 -11.83 -2.21 19.62
CA ALA B 299 -11.07 -3.18 20.39
C ALA B 299 -11.40 -4.63 20.02
N THR B 300 -10.37 -5.45 19.90
CA THR B 300 -10.52 -6.87 19.64
C THR B 300 -11.01 -7.56 20.94
N PRO B 301 -11.52 -8.80 20.88
CA PRO B 301 -11.99 -9.45 22.12
C PRO B 301 -10.92 -9.53 23.24
N LEU B 302 -9.63 -9.73 22.89
CA LEU B 302 -8.58 -9.75 23.91
C LEU B 302 -8.37 -8.36 24.55
N MET B 303 -8.41 -7.29 23.74
CA MET B 303 -8.31 -5.92 24.27
C MET B 303 -9.49 -5.60 25.18
N GLN B 304 -10.70 -6.05 24.83
CA GLN B 304 -11.90 -5.80 25.65
C GLN B 304 -11.72 -6.39 27.04
N GLU B 305 -11.20 -7.62 27.12
CA GLU B 305 -10.93 -8.28 28.41
C GLU B 305 -9.84 -7.57 29.21
N LEU B 306 -8.72 -7.21 28.57
CA LEU B 306 -7.62 -6.54 29.26
C LEU B 306 -8.00 -5.15 29.77
N PHE B 307 -8.82 -4.41 29.01
CA PHE B 307 -9.18 -3.04 29.37
C PHE B 307 -10.55 -2.88 30.06
N GLY B 308 -11.28 -3.97 30.28
CA GLY B 308 -12.54 -3.92 31.00
C GLY B 308 -13.79 -3.53 30.22
N ILE B 309 -13.78 -3.75 28.91
CA ILE B 309 -14.90 -3.44 28.03
C ILE B 309 -15.97 -4.55 28.04
N THR B 310 -17.16 -4.25 28.57
CA THR B 310 -18.25 -5.24 28.61
C THR B 310 -19.26 -4.95 27.51
N SER B 323 -15.59 -15.05 39.79
CA SER B 323 -16.21 -14.54 38.56
C SER B 323 -15.26 -13.77 37.64
N LEU B 324 -13.97 -13.66 38.03
CA LEU B 324 -12.98 -13.00 37.18
C LEU B 324 -12.62 -13.94 36.02
N THR B 325 -12.58 -15.26 36.25
CA THR B 325 -12.29 -16.20 35.19
C THR B 325 -13.47 -16.26 34.17
N GLU B 326 -14.72 -16.01 34.63
CA GLU B 326 -15.90 -16.01 33.76
C GLU B 326 -15.91 -14.77 32.87
N ARG B 327 -15.45 -13.63 33.40
CA ARG B 327 -15.40 -12.39 32.61
C ARG B 327 -14.18 -12.28 31.70
N HIS B 328 -13.19 -13.16 31.87
CA HIS B 328 -11.95 -13.11 31.11
C HIS B 328 -11.61 -14.48 30.56
N LYS B 329 -12.52 -15.03 29.74
CA LYS B 329 -12.38 -16.37 29.18
C LYS B 329 -11.22 -16.55 28.21
N ILE B 330 -10.88 -15.54 27.38
CA ILE B 330 -9.75 -15.64 26.46
C ILE B 330 -8.47 -15.67 27.29
N LEU B 331 -8.36 -14.76 28.28
CA LEU B 331 -7.20 -14.72 29.17
C LEU B 331 -7.04 -16.00 29.95
N HIS B 332 -8.14 -16.58 30.46
CA HIS B 332 -8.12 -17.82 31.22
C HIS B 332 -7.66 -18.97 30.34
N ARG B 333 -8.15 -19.02 29.09
CA ARG B 333 -7.75 -20.03 28.11
C ARG B 333 -6.25 -19.90 27.81
N LEU B 334 -5.77 -18.67 27.50
CA LEU B 334 -4.35 -18.44 27.21
C LEU B 334 -3.45 -18.83 28.37
N LEU B 335 -3.90 -18.61 29.61
CA LEU B 335 -3.13 -18.96 30.79
C LEU B 335 -3.09 -20.46 31.08
N GLN B 336 -4.12 -21.25 30.68
CA GLN B 336 -4.07 -22.69 30.89
C GLN B 336 -3.30 -23.41 29.78
N GLU B 337 -3.10 -22.78 28.63
CA GLU B 337 -2.38 -23.38 27.50
C GLU B 337 -0.87 -23.45 27.76
N GLY B 338 -0.21 -24.37 27.08
CA GLY B 338 1.24 -24.48 27.17
C GLY B 338 1.94 -23.59 26.16
N SER B 339 3.26 -23.74 26.05
CA SER B 339 4.08 -22.96 25.12
C SER B 339 4.96 -23.92 24.28
N PRO B 340 4.39 -24.66 23.31
CA PRO B 340 5.21 -25.60 22.53
C PRO B 340 5.97 -24.92 21.38
C13 QCG C . 2.34 2.64 -16.88
C18 QCG C . 2.93 0.72 -10.66
C17 QCG C . 3.23 0.59 -12.00
C16 QCG C . 4.56 0.51 -12.42
C15 QCG C . 6.14 0.17 -14.46
C19 QCG C . 3.94 0.75 -9.71
C20 QCG C . 5.26 0.64 -10.11
C21 QCG C . 5.57 0.51 -11.46
C22 QCG C . 3.83 3.02 -20.77
C23 QCG C . 2.74 4.04 -20.49
C24 QCG C . 5.20 3.63 -20.57
C11 QCG C . -0.01 2.15 -17.09
C12 QCG C . 1.01 3.07 -16.87
C27 QCG C . 3.44 3.60 -16.50
C1 QCG C . 5.93 0.26 -15.81
C10 QCG C . 0.29 0.83 -17.38
C14 QCG C . 4.89 0.45 -13.86
C2 QCG C . 6.27 0.33 -18.10
C25 QCG C . 3.68 2.42 -22.15
C26 QCG C . 0.69 4.54 -16.70
C28 QCG C . -1.58 3.70 -16.27
C29 QCG C . -0.79 4.83 -16.88
C3 QCG C . 4.85 0.66 -18.32
C4 QCG C . 4.02 0.80 -17.20
C5 QCG C . 2.62 1.29 -17.19
C6 QCG C . 4.36 0.82 -19.73
C7 QCG C . 3.58 -0.42 -20.16
C8 QCG C . 7.22 0.18 -19.25
C9 QCG C . 1.59 0.40 -17.45
F1 QCG C . -0.72 -0.04 -17.59
N1 QCG C . 4.59 0.58 -15.96
N2 QCG C . 6.76 0.14 -16.89
N3 QCG C . 3.94 0.68 -14.76
O1 QCG C . 3.55 2.01 -19.76
O2 QCG C . 4.21 -1.53 -19.88
O3 QCG C . 2.49 -0.37 -20.71
O4 QCG C . -1.34 2.47 -16.96
H8 QCG C . 1.90 0.80 -10.34
H7 QCG C . 2.41 0.56 -12.71
H6 QCG C . 7.07 -0.06 -13.95
H9 QCG C . 3.70 0.86 -8.66
H10 QCG C . 6.06 0.64 -9.38
H11 QCG C . 6.61 0.43 -11.75
H15 QCG C . 2.79 4.87 -21.19
H14 QCG C . 2.77 4.46 -19.49
H13 QCG C . 1.75 3.61 -20.61
H18 QCG C . 5.30 4.57 -21.12
H16 QCG C . 5.40 3.83 -19.53
H17 QCG C . 6.00 2.99 -20.95
H25 QCG C . 4.44 3.18 -16.43
H26 QCG C . 3.51 4.39 -17.25
H24 QCG C . 3.24 4.06 -15.54
H21 QCG C . 4.52 1.80 -22.47
H19 QCG C . 3.60 3.19 -22.90
H20 QCG C . 2.79 1.80 -22.23
H23 QCG C . 1.01 4.86 -15.71
H22 QCG C . 1.26 5.13 -17.40
H28 QCG C . -2.65 3.82 -16.38
H27 QCG C . -1.37 3.58 -15.21
H30 QCG C . -1.03 4.94 -17.93
H29 QCG C . -1.05 5.78 -16.42
H1 QCG C . 5.18 0.87 -20.45
H3 QCG C . 7.38 1.10 -19.80
H4 QCG C . 6.89 -0.59 -19.96
H2 QCG C . 8.20 -0.13 -18.88
H5 QCG C . 1.81 -0.64 -17.71
H12 QCG C . 3.69 -2.32 -20.17
C1 GOL D . 18.04 -2.66 24.26
O1 GOL D . 19.20 -2.50 25.04
C2 GOL D . 18.41 -2.83 22.80
O2 GOL D . 17.23 -3.10 22.03
C3 GOL D . 19.09 -1.60 22.25
O3 GOL D . 18.16 -0.52 22.16
C13 QCG E . 2.11 3.65 17.23
C18 QCG E . -0.71 5.59 10.42
C17 QCG E . -0.72 6.01 11.75
C16 QCG E . -0.60 5.07 12.78
C15 QCG E . -1.31 6.64 14.73
C19 QCG E . -0.58 4.25 10.11
C20 QCG E . -0.46 3.33 11.12
C21 QCG E . -0.46 3.72 12.45
C22 QCG E . 2.21 5.25 21.13
C23 QCG E . 3.37 4.30 20.89
C24 QCG E . 2.60 6.67 20.82
C11 QCG E . 1.94 1.25 17.39
C12 QCG E . 2.72 2.39 17.17
C27 QCG E . 2.90 4.88 16.84
C1 QCG E . -1.04 6.61 16.08
C10 QCG E . 0.61 1.38 17.75
C14 QCG E . -0.66 5.50 14.19
C2 QCG E . -0.99 7.12 18.34
C25 QCG E . 1.68 5.11 22.54
C26 QCG E . 4.21 2.26 17.00
C28 QCG E . 3.72 -0.08 16.61
C29 QCG E . 4.70 0.86 17.27
C3 QCG E . -0.27 5.86 18.62
C4 QCG E . 0.06 5.04 17.54
C5 QCG E . 0.76 3.74 17.59
C6 QCG E . -0.03 5.47 20.07
C7 QCG E . -1.14 4.54 20.55
C8 QCG E . -1.31 8.09 19.42
C9 QCG E . 0.02 2.60 17.87
F1 QCG E . -0.10 0.24 17.97
N1 QCG E . -0.32 5.45 16.29
N2 QCG E . -1.36 7.45 17.11
N3 QCG E . -0.07 4.76 15.13
O1 QCG E . 1.22 4.78 20.16
O2 QCG E . -2.33 4.93 20.20
O3 QCG E . -0.94 3.53 21.20
O4 QCG E . 2.43 -0.01 17.21
H8 QCG E . -0.80 6.32 9.63
H7 QCG E . -0.81 7.06 11.97
H6 QCG E . -1.89 7.38 14.19
H9 QCG E . -0.59 3.92 9.07
H10 QCG E . -0.35 2.26 10.88
H11 QCG E . -0.37 2.97 13.23
H15 QCG E . 3.11 3.27 21.12
H14 QCG E . 3.74 4.31 19.86
H13 QCG E . 4.22 4.55 21.51
H18 QCG E . 3.58 6.92 21.21
H16 QCG E . 1.89 7.38 21.24
H17 QCG E . 2.64 6.85 19.75
H25 QCG E . 2.34 5.81 16.78
H26 QCG E . 3.70 5.06 17.56
H24 QCG E . 3.37 4.75 15.86
H21 QCG E . 1.26 4.13 22.77
H19 QCG E . 2.48 5.26 23.28
H20 QCG E . 0.92 5.84 22.77
H23 QCG E . 4.71 2.96 17.66
H22 QCG E . 4.49 2.56 15.99
H28 QCG E . 3.99 -1.13 16.75
H27 QCG E . 3.64 0.10 15.55
H30 QCG E . 5.70 0.71 16.88
H29 QCG E . 4.77 0.67 18.33
H1 QCG E . -0.09 6.32 20.73
H3 QCG E . -0.43 8.49 19.93
H4 QCG E . -1.94 7.65 20.20
H2 QCG E . -1.85 8.94 19.02
H5 QCG E . -1.03 2.68 18.19
H12 QCG E . -3.04 4.32 20.52
#